data_6PD9
#
_entry.id   6PD9
#
_cell.length_a   46.150
_cell.length_b   57.706
_cell.length_c   121.715
_cell.angle_alpha   90.00
_cell.angle_beta   90.00
_cell.angle_gamma   90.00
#
_symmetry.space_group_name_H-M   'P 21 21 21'
#
loop_
_entity.id
_entity.type
_entity.pdbx_description
1 polymer 'Histone acetyltransferase KAT8'
2 non-polymer 'ZINC ION'
3 non-polymer 'SODIUM ION'
4 non-polymer GLYCEROL
5 non-polymer "2-fluoro-3-methyl-N'-(phenylsulfonyl)-5-(1H-pyrazol-1-yl)benzohydrazide"
6 water water
#
_entity_poly.entity_id   1
_entity_poly.type   'polypeptide(L)'
_entity_poly.pdbx_seq_one_letter_code
;KYVDKIHIGNYEIDAWYFSPFPEDYGKQPKLWLCEYCLKYMKYEKSYRFHLGQCQWRQPPGKEIYRKSNISVHEVDGKDH
KIYCQNLCLLAKLFLDH(ALY)TLYFDVEPFVFYILTEVDRQGAHIVGYFSKEKESPDGNNVSCIMILPPYQRRGYGRFL
IAFSYELSKLESTVGSPEKPLSDLGKLSYRSYWSSVLLENLRDFRGTLSIKDLSQMTSITQNDIISTLQSLNMVKYWKGQ
HVICVTPKLVEEHLKSAQYKKPPITVDSVCLKWAPP
;
_entity_poly.pdbx_strand_id   A
#
loop_
_chem_comp.id
_chem_comp.type
_chem_comp.name
_chem_comp.formula
GOL non-polymer GLYCEROL 'C3 H8 O3'
NA non-polymer 'SODIUM ION' 'Na 1'
O9G non-polymer 2-fluoro-3-methyl-N'-(phenylsulfonyl)-5-(1H-pyrazol-1-yl)benzohydrazide 'C17 H15 F N4 O3 S'
ZN non-polymer 'ZINC ION' 'Zn 2'
#
# COMPACT_ATOMS: atom_id res chain seq x y z
N LYS A 1 27.39 12.17 -1.92
CA LYS A 1 26.61 12.19 -0.70
C LYS A 1 25.11 12.18 -1.04
N TYR A 2 24.38 11.27 -0.39
CA TYR A 2 22.97 11.07 -0.67
C TYR A 2 22.10 11.67 0.42
N VAL A 3 20.82 11.89 0.07
CA VAL A 3 19.81 12.21 1.06
C VAL A 3 19.71 11.06 2.06
N ASP A 4 19.77 11.39 3.35
CA ASP A 4 19.74 10.39 4.41
C ASP A 4 18.71 10.69 5.49
N LYS A 5 18.01 11.81 5.41
CA LYS A 5 17.11 12.22 6.47
C LYS A 5 16.16 13.25 5.90
N ILE A 6 14.86 12.99 6.01
CA ILE A 6 13.84 13.92 5.52
C ILE A 6 13.10 14.49 6.72
N HIS A 7 12.59 15.71 6.54
CA HIS A 7 11.62 16.30 7.43
C HIS A 7 10.32 16.47 6.64
N ILE A 8 9.25 15.85 7.11
CA ILE A 8 7.96 15.91 6.45
C ILE A 8 6.89 15.98 7.51
N GLY A 9 5.92 16.88 7.32
CA GLY A 9 4.94 17.15 8.35
C GLY A 9 5.60 17.50 9.66
N ASN A 10 5.34 16.70 10.69
CA ASN A 10 5.96 16.86 12.00
C ASN A 10 6.95 15.76 12.32
N TYR A 11 7.35 14.96 11.34
CA TYR A 11 8.29 13.87 11.52
C TYR A 11 9.61 14.16 10.82
N GLU A 12 10.69 13.78 11.48
CA GLU A 12 11.97 13.54 10.82
C GLU A 12 12.16 12.03 10.68
N ILE A 13 12.59 11.60 9.49
CA ILE A 13 12.68 10.18 9.17
C ILE A 13 14.03 9.92 8.52
N ASP A 14 14.79 9.00 9.09
CA ASP A 14 16.03 8.56 8.45
C ASP A 14 15.73 7.77 7.19
N ALA A 15 16.64 7.85 6.22
CA ALA A 15 16.48 7.10 4.98
C ALA A 15 16.97 5.67 5.14
N TRP A 16 16.35 4.77 4.37
CA TRP A 16 16.76 3.38 4.31
C TRP A 16 17.56 3.05 3.05
N TYR A 17 17.27 3.72 1.94
CA TYR A 17 17.89 3.40 0.67
C TYR A 17 18.16 4.69 -0.09
N PHE A 18 18.94 4.58 -1.15
CA PHE A 18 19.26 5.72 -1.99
C PHE A 18 18.05 6.08 -2.86
N SER A 19 17.75 7.38 -2.94
CA SER A 19 16.66 7.85 -3.78
C SER A 19 17.20 8.93 -4.72
N PRO A 20 16.90 8.85 -6.01
CA PRO A 20 17.57 9.74 -6.98
C PRO A 20 17.02 11.17 -7.03
N PHE A 21 17.06 11.89 -5.91
CA PHE A 21 16.80 13.32 -5.97
C PHE A 21 17.92 14.00 -6.76
N PRO A 22 17.66 15.16 -7.36
CA PRO A 22 18.72 15.86 -8.10
C PRO A 22 19.93 16.13 -7.20
N GLU A 23 21.11 15.98 -7.80
CA GLU A 23 22.38 15.96 -7.06
C GLU A 23 22.52 17.16 -6.12
N ASP A 24 21.93 18.30 -6.46
CA ASP A 24 21.99 19.45 -5.57
C ASP A 24 21.21 19.21 -4.29
N TYR A 25 20.11 18.44 -4.37
CA TYR A 25 19.33 18.15 -3.17
C TYR A 25 19.99 17.06 -2.34
N GLY A 26 20.59 16.06 -2.99
CA GLY A 26 21.27 14.99 -2.29
C GLY A 26 22.33 15.47 -1.31
N LYS A 27 23.22 16.35 -1.79
CA LYS A 27 24.35 16.80 -0.99
C LYS A 27 23.95 17.52 0.29
N GLN A 28 22.67 17.85 0.46
CA GLN A 28 22.22 18.45 1.69
C GLN A 28 22.25 17.42 2.82
N PRO A 29 22.30 17.86 4.07
CA PRO A 29 22.10 16.91 5.17
C PRO A 29 20.68 16.41 5.20
N LYS A 30 19.74 17.34 5.22
CA LYS A 30 18.32 17.06 5.39
C LYS A 30 17.52 17.62 4.22
N LEU A 31 16.46 16.90 3.85
CA LEU A 31 15.51 17.34 2.85
C LEU A 31 14.17 17.64 3.52
N TRP A 32 13.50 18.71 3.06
CA TRP A 32 12.30 19.22 3.68
C TRP A 32 11.15 19.13 2.69
N LEU A 33 10.12 18.37 3.04
CA LEU A 33 9.01 18.09 2.14
C LEU A 33 7.73 18.73 2.66
N CYS A 34 7.04 19.46 1.79
CA CYS A 34 5.65 19.81 2.04
C CYS A 34 4.83 18.53 2.13
N GLU A 35 4.15 18.33 3.24
CA GLU A 35 3.42 17.07 3.42
C GLU A 35 2.14 17.01 2.60
N TYR A 36 1.79 18.07 1.87
CA TYR A 36 0.58 18.13 1.08
C TYR A 36 0.83 18.06 -0.41
N CYS A 37 1.70 18.92 -0.95
CA CYS A 37 2.04 18.88 -2.37
C CYS A 37 3.30 18.07 -2.67
N LEU A 38 4.04 17.66 -1.63
CA LEU A 38 5.23 16.83 -1.72
C LEU A 38 6.41 17.54 -2.39
N LYS A 39 6.36 18.87 -2.51
CA LYS A 39 7.52 19.60 -2.95
C LYS A 39 8.66 19.44 -1.94
N TYR A 40 9.86 19.16 -2.43
CA TYR A 40 11.03 18.98 -1.59
C TYR A 40 11.97 20.16 -1.72
N MET A 41 12.59 20.55 -0.59
CA MET A 41 13.38 21.76 -0.50
C MET A 41 14.68 21.47 0.24
N LYS A 42 15.65 22.36 0.04
CA LYS A 42 16.99 22.19 0.62
C LYS A 42 17.18 22.91 1.94
N TYR A 43 16.31 23.84 2.31
CA TYR A 43 16.53 24.66 3.48
C TYR A 43 15.27 24.73 4.32
N GLU A 44 15.45 24.95 5.62
CA GLU A 44 14.31 25.15 6.51
C GLU A 44 13.60 26.47 6.21
N LYS A 45 14.32 27.48 5.76
CA LYS A 45 13.70 28.78 5.51
C LYS A 45 12.78 28.73 4.30
N SER A 46 13.18 28.00 3.25
CA SER A 46 12.27 27.76 2.14
C SER A 46 11.12 26.86 2.57
N TYR A 47 11.41 25.85 3.40
CA TYR A 47 10.35 25.03 3.95
C TYR A 47 9.36 25.87 4.76
N ARG A 48 9.89 26.71 5.66
CA ARG A 48 9.03 27.53 6.50
C ARG A 48 8.23 28.52 5.67
N PHE A 49 8.84 29.07 4.62
CA PHE A 49 8.11 29.99 3.76
C PHE A 49 6.99 29.29 3.02
N HIS A 50 7.29 28.10 2.47
CA HIS A 50 6.28 27.33 1.75
C HIS A 50 5.13 26.96 2.68
N LEU A 51 5.44 26.66 3.94
CA LEU A 51 4.41 26.23 4.89
C LEU A 51 3.32 27.30 5.06
N GLY A 52 3.68 28.58 4.94
CA GLY A 52 2.72 29.65 5.05
C GLY A 52 2.08 29.99 3.70
N GLN A 53 2.68 29.49 2.62
CA GLN A 53 2.16 29.70 1.28
C GLN A 53 1.24 28.57 0.83
N CYS A 54 1.58 27.34 1.21
CA CYS A 54 0.87 26.17 0.68
C CYS A 54 -0.61 26.25 1.00
N GLN A 55 -1.43 26.14 -0.04
CA GLN A 55 -2.88 26.11 0.10
C GLN A 55 -3.45 24.70 0.10
N TRP A 56 -2.68 23.71 -0.37
CA TRP A 56 -3.12 22.32 -0.29
C TRP A 56 -3.20 21.87 1.15
N ARG A 57 -4.34 21.29 1.52
CA ARG A 57 -4.49 20.65 2.83
C ARG A 57 -4.89 19.18 2.68
N GLN A 58 -4.57 18.57 1.53
CA GLN A 58 -4.95 17.20 1.20
C GLN A 58 -4.29 16.80 -0.11
N PRO A 59 -4.23 15.50 -0.44
CA PRO A 59 -3.63 15.10 -1.72
C PRO A 59 -4.47 15.58 -2.89
N PRO A 60 -3.89 15.61 -4.10
CA PRO A 60 -4.70 15.92 -5.28
C PRO A 60 -5.60 14.76 -5.65
N GLY A 61 -6.24 14.85 -6.81
CA GLY A 61 -7.09 13.77 -7.25
C GLY A 61 -8.41 13.70 -6.49
N LYS A 62 -9.08 12.57 -6.66
CA LYS A 62 -10.41 12.33 -6.14
C LYS A 62 -10.35 11.53 -4.84
N GLU A 63 -11.19 11.91 -3.87
CA GLU A 63 -11.33 11.18 -2.62
C GLU A 63 -12.27 10.01 -2.82
N ILE A 64 -11.73 8.83 -3.08
CA ILE A 64 -12.54 7.65 -3.39
C ILE A 64 -12.83 6.80 -2.16
N TYR A 65 -12.32 7.18 -0.98
CA TYR A 65 -12.65 6.47 0.24
C TYR A 65 -12.64 7.45 1.41
N ARG A 66 -13.64 7.30 2.28
CA ARG A 66 -13.71 8.12 3.49
C ARG A 66 -14.61 7.42 4.49
N LYS A 67 -14.01 6.87 5.54
CA LYS A 67 -14.72 6.44 6.74
C LYS A 67 -13.98 6.98 7.95
N SER A 68 -14.66 7.78 8.75
CA SER A 68 -14.06 8.48 9.91
C SER A 68 -12.97 9.40 9.35
N ASN A 69 -11.75 9.37 9.87
CA ASN A 69 -10.67 10.20 9.38
C ASN A 69 -9.68 9.45 8.49
N ILE A 70 -10.04 8.24 8.06
CA ILE A 70 -9.26 7.51 7.07
C ILE A 70 -9.78 7.91 5.69
N SER A 71 -8.86 8.19 4.77
CA SER A 71 -9.23 8.62 3.43
C SER A 71 -8.21 8.09 2.44
N VAL A 72 -8.67 7.83 1.22
CA VAL A 72 -7.81 7.40 0.12
C VAL A 72 -8.11 8.28 -1.09
N HIS A 73 -7.05 8.74 -1.74
CA HIS A 73 -7.16 9.63 -2.90
C HIS A 73 -6.65 8.91 -4.14
N GLU A 74 -7.39 9.06 -5.24
CA GLU A 74 -6.96 8.53 -6.52
C GLU A 74 -6.27 9.65 -7.31
N VAL A 75 -5.01 9.43 -7.65
CA VAL A 75 -4.21 10.41 -8.38
C VAL A 75 -3.61 9.71 -9.59
N ASP A 76 -3.85 10.27 -10.76
CA ASP A 76 -3.44 9.71 -12.03
C ASP A 76 -2.07 10.26 -12.39
N GLY A 77 -1.14 9.37 -12.77
CA GLY A 77 0.18 9.82 -13.15
C GLY A 77 0.16 10.85 -14.26
N LYS A 78 -0.75 10.67 -15.22
CA LYS A 78 -0.85 11.60 -16.35
C LYS A 78 -1.29 12.99 -15.90
N ASP A 79 -2.30 13.06 -15.02
CA ASP A 79 -2.91 14.33 -14.65
C ASP A 79 -2.17 15.06 -13.53
N HIS A 80 -1.21 14.42 -12.87
CA HIS A 80 -0.51 15.05 -11.78
C HIS A 80 0.95 14.58 -11.80
N LYS A 81 1.64 14.92 -12.88
CA LYS A 81 2.98 14.39 -13.15
C LYS A 81 3.94 14.69 -12.02
N ILE A 82 4.12 15.98 -11.71
CA ILE A 82 5.15 16.40 -10.75
C ILE A 82 4.89 15.78 -9.38
N TYR A 83 3.65 15.86 -8.91
CA TYR A 83 3.29 15.28 -7.61
C TYR A 83 3.70 13.81 -7.53
N CYS A 84 3.32 13.02 -8.54
CA CYS A 84 3.58 11.58 -8.49
C CYS A 84 5.07 11.26 -8.56
N GLN A 85 5.85 12.11 -9.22
CA GLN A 85 7.30 11.89 -9.24
C GLN A 85 7.91 12.15 -7.87
N ASN A 86 7.49 13.23 -7.20
CA ASN A 86 7.90 13.46 -5.83
C ASN A 86 7.50 12.28 -4.94
N LEU A 87 6.29 11.77 -5.13
CA LEU A 87 5.82 10.60 -4.40
C LEU A 87 6.78 9.43 -4.54
N CYS A 88 7.22 9.16 -5.77
CA CYS A 88 8.11 8.02 -5.99
C CYS A 88 9.51 8.30 -5.45
N LEU A 89 9.95 9.55 -5.53
CA LEU A 89 11.23 9.91 -4.91
C LEU A 89 11.17 9.70 -3.40
N LEU A 90 10.04 10.04 -2.78
CA LEU A 90 9.87 9.78 -1.36
C LEU A 90 9.81 8.28 -1.07
N ALA A 91 9.03 7.54 -1.85
CA ALA A 91 8.89 6.11 -1.60
C ALA A 91 10.18 5.36 -1.82
N LYS A 92 11.05 5.85 -2.71
CA LYS A 92 12.30 5.16 -2.99
C LYS A 92 13.24 5.19 -1.80
N LEU A 93 13.08 6.17 -0.90
CA LEU A 93 13.88 6.21 0.32
C LEU A 93 13.62 5.04 1.26
N PHE A 94 12.56 4.26 1.02
CA PHE A 94 12.24 3.13 1.87
C PHE A 94 11.92 1.86 1.07
N LEU A 95 12.08 1.89 -0.24
CA LEU A 95 11.88 0.72 -1.08
C LEU A 95 13.17 0.42 -1.84
N ASP A 96 13.76 -0.74 -1.57
CA ASP A 96 15.01 -1.12 -2.23
C ASP A 96 14.77 -1.41 -3.71
N HIS A 97 13.66 -2.05 -4.04
CA HIS A 97 13.49 -2.64 -5.36
C HIS A 97 12.63 -1.81 -6.31
OH ALY A 98 5.39 3.36 -7.13
CH ALY A 98 6.22 3.49 -8.05
CH3 ALY A 98 5.81 3.36 -9.50
NZ ALY A 98 7.56 3.74 -7.80
CE ALY A 98 8.09 3.88 -6.47
CD ALY A 98 9.59 3.60 -6.33
CG ALY A 98 9.91 2.26 -6.95
CB ALY A 98 10.78 1.44 -6.02
CA ALY A 98 11.53 0.31 -6.75
N ALY A 98 12.21 -0.62 -5.88
C ALY A 98 12.56 0.93 -7.68
O ALY A 98 13.67 1.33 -7.31
N THR A 99 12.21 1.01 -8.95
CA THR A 99 13.14 1.47 -9.99
C THR A 99 12.59 2.62 -10.83
N LEU A 100 11.37 3.06 -10.51
CA LEU A 100 10.60 3.91 -11.41
C LEU A 100 10.05 5.10 -10.63
N TYR A 101 10.50 6.31 -11.01
CA TYR A 101 10.15 7.53 -10.29
C TYR A 101 9.83 8.73 -11.17
N PHE A 102 10.14 8.70 -12.46
CA PHE A 102 9.84 9.82 -13.35
C PHE A 102 8.83 9.47 -14.43
N ASP A 103 8.76 8.21 -14.83
CA ASP A 103 7.76 7.73 -15.80
C ASP A 103 6.53 7.30 -15.01
N VAL A 104 5.67 8.27 -14.70
CA VAL A 104 4.53 8.04 -13.82
C VAL A 104 3.21 7.93 -14.58
N GLU A 105 3.11 8.47 -15.80
CA GLU A 105 1.91 8.39 -16.63
C GLU A 105 1.30 7.00 -16.73
N PRO A 106 2.08 5.91 -16.85
CA PRO A 106 1.44 4.58 -16.92
C PRO A 106 0.82 4.11 -15.61
N PHE A 107 0.88 4.90 -14.54
CA PHE A 107 0.44 4.46 -13.23
C PHE A 107 -0.66 5.34 -12.67
N VAL A 108 -1.40 4.76 -11.73
CA VAL A 108 -2.34 5.48 -10.89
C VAL A 108 -1.98 5.18 -9.45
N PHE A 109 -2.06 6.19 -8.59
CA PHE A 109 -1.57 6.11 -7.22
C PHE A 109 -2.72 6.27 -6.25
N TYR A 110 -2.65 5.56 -5.13
CA TYR A 110 -3.69 5.56 -4.11
C TYR A 110 -3.07 6.00 -2.79
N ILE A 111 -3.33 7.25 -2.41
CA ILE A 111 -2.72 7.85 -1.24
C ILE A 111 -3.61 7.60 -0.04
N LEU A 112 -3.03 7.06 1.03
CA LEU A 112 -3.73 6.87 2.29
C LEU A 112 -3.38 8.02 3.23
N THR A 113 -4.41 8.74 3.69
CA THR A 113 -4.20 9.88 4.56
C THR A 113 -5.05 9.77 5.83
N GLU A 114 -4.53 10.36 6.89
CA GLU A 114 -5.17 10.44 8.19
C GLU A 114 -5.52 11.91 8.42
N VAL A 115 -6.78 12.19 8.70
CA VAL A 115 -7.29 13.55 8.74
C VAL A 115 -7.36 14.04 10.19
N ASP A 116 -7.07 15.32 10.38
CA ASP A 116 -7.40 16.02 11.62
C ASP A 116 -7.91 17.40 11.22
N ARG A 117 -7.87 18.34 12.16
CA ARG A 117 -8.38 19.68 11.89
C ARG A 117 -7.51 20.44 10.88
N GLN A 118 -6.20 20.21 10.90
CA GLN A 118 -5.34 20.98 10.00
C GLN A 118 -5.40 20.44 8.57
N GLY A 119 -5.62 19.15 8.38
CA GLY A 119 -5.77 18.61 7.05
C GLY A 119 -5.58 17.11 7.05
N ALA A 120 -5.34 16.59 5.84
CA ALA A 120 -5.27 15.17 5.56
C ALA A 120 -3.81 14.78 5.36
N HIS A 121 -3.26 14.02 6.30
CA HIS A 121 -1.83 13.80 6.39
C HIS A 121 -1.45 12.44 5.82
N ILE A 122 -0.42 12.45 4.97
CA ILE A 122 -0.08 11.28 4.17
C ILE A 122 0.51 10.20 5.08
N VAL A 123 -0.06 9.00 4.99
CA VAL A 123 0.40 7.84 5.75
C VAL A 123 1.23 6.92 4.87
N GLY A 124 0.72 6.62 3.68
CA GLY A 124 1.41 5.77 2.74
C GLY A 124 0.68 5.77 1.42
N TYR A 125 1.07 4.85 0.56
CA TYR A 125 0.44 4.77 -0.75
C TYR A 125 0.74 3.41 -1.36
N PHE A 126 0.00 3.08 -2.41
CA PHE A 126 0.40 2.03 -3.33
C PHE A 126 0.13 2.50 -4.76
N SER A 127 0.98 2.06 -5.67
CA SER A 127 0.84 2.35 -7.09
C SER A 127 0.21 1.15 -7.80
N LYS A 128 -0.24 1.39 -9.03
CA LYS A 128 -0.98 0.38 -9.78
C LYS A 128 -0.94 0.73 -11.25
N GLU A 129 -0.53 -0.23 -12.07
CA GLU A 129 -0.47 -0.01 -13.51
C GLU A 129 -1.87 0.09 -14.09
N LYS A 130 -2.12 1.16 -14.86
CA LYS A 130 -3.39 1.30 -15.56
C LYS A 130 -3.71 0.06 -16.37
N GLU A 131 -2.71 -0.49 -17.04
CA GLU A 131 -2.85 -1.71 -17.86
C GLU A 131 -1.74 -2.68 -17.47
N SER A 132 -2.04 -3.62 -16.59
CA SER A 132 -1.06 -4.60 -16.14
C SER A 132 -1.22 -5.89 -16.92
N PRO A 133 -0.20 -6.36 -17.64
CA PRO A 133 -0.34 -7.61 -18.40
C PRO A 133 -0.19 -8.84 -17.52
N ASP A 134 0.69 -8.76 -16.53
CA ASP A 134 0.92 -9.83 -15.56
C ASP A 134 -0.15 -9.88 -14.49
N GLY A 135 -1.24 -9.14 -14.66
CA GLY A 135 -2.30 -9.10 -13.67
C GLY A 135 -1.80 -8.72 -12.30
N ASN A 136 -1.10 -7.59 -12.21
CA ASN A 136 -0.58 -7.08 -10.94
C ASN A 136 -1.48 -5.93 -10.48
N ASN A 137 -2.25 -6.18 -9.42
CA ASN A 137 -3.12 -5.14 -8.86
C ASN A 137 -2.37 -4.20 -7.92
N VAL A 138 -1.08 -4.44 -7.68
CA VAL A 138 -0.22 -3.52 -6.93
C VAL A 138 1.17 -3.55 -7.56
N SER A 139 1.74 -2.36 -7.77
CA SER A 139 3.11 -2.27 -8.25
C SER A 139 4.05 -2.10 -7.06
N CYS A 140 4.04 -0.92 -6.46
CA CYS A 140 4.78 -0.65 -5.25
C CYS A 140 3.81 -0.26 -4.14
N ILE A 141 4.15 -0.63 -2.91
CA ILE A 141 3.38 -0.24 -1.74
C ILE A 141 4.35 0.17 -0.64
N MET A 142 4.01 1.25 0.06
CA MET A 142 4.94 1.91 0.98
C MET A 142 4.12 2.54 2.09
N ILE A 143 4.50 2.26 3.33
CA ILE A 143 3.96 2.94 4.50
C ILE A 143 5.10 3.72 5.13
N LEU A 144 4.88 4.99 5.43
CA LEU A 144 5.92 5.80 6.04
C LEU A 144 6.31 5.20 7.39
N PRO A 145 7.60 5.14 7.71
CA PRO A 145 8.07 4.33 8.86
C PRO A 145 7.34 4.63 10.16
N PRO A 146 7.08 5.90 10.52
CA PRO A 146 6.32 6.14 11.75
C PRO A 146 4.88 5.64 11.71
N TYR A 147 4.42 5.10 10.59
CA TYR A 147 3.08 4.54 10.48
C TYR A 147 3.08 3.04 10.25
N GLN A 148 4.26 2.40 10.22
CA GLN A 148 4.37 1.00 9.85
C GLN A 148 3.99 0.11 11.02
N ARG A 149 3.48 -1.08 10.70
CA ARG A 149 3.08 -2.08 11.70
C ARG A 149 2.01 -1.53 12.63
N ARG A 150 1.05 -0.79 12.08
CA ARG A 150 -0.06 -0.27 12.87
C ARG A 150 -1.40 -0.40 12.17
N GLY A 151 -1.48 -1.13 11.05
CA GLY A 151 -2.74 -1.42 10.37
C GLY A 151 -2.85 -0.81 8.99
N TYR A 152 -2.21 0.33 8.76
CA TYR A 152 -2.38 1.04 7.49
C TYR A 152 -1.92 0.20 6.32
N GLY A 153 -0.79 -0.51 6.48
CA GLY A 153 -0.30 -1.36 5.42
C GLY A 153 -1.28 -2.46 5.03
N ARG A 154 -1.80 -3.19 6.02
CA ARG A 154 -2.80 -4.20 5.69
C ARG A 154 -4.04 -3.55 5.10
N PHE A 155 -4.39 -2.37 5.58
CA PHE A 155 -5.54 -1.68 5.03
C PHE A 155 -5.36 -1.47 3.53
N LEU A 156 -4.15 -1.14 3.11
CA LEU A 156 -3.91 -0.88 1.68
C LEU A 156 -3.99 -2.16 0.88
N ILE A 157 -3.50 -3.28 1.43
CA ILE A 157 -3.64 -4.58 0.76
C ILE A 157 -5.10 -4.89 0.54
N ALA A 158 -5.91 -4.77 1.61
CA ALA A 158 -7.35 -4.97 1.49
C ALA A 158 -7.95 -4.05 0.43
N PHE A 159 -7.65 -2.75 0.52
CA PHE A 159 -8.15 -1.80 -0.46
C PHE A 159 -7.71 -2.16 -1.88
N SER A 160 -6.48 -2.66 -2.02
CA SER A 160 -6.00 -3.09 -3.33
C SER A 160 -6.87 -4.21 -3.90
N TYR A 161 -7.32 -5.13 -3.04
CA TYR A 161 -8.12 -6.26 -3.50
C TYR A 161 -9.60 -5.93 -3.67
N GLU A 162 -10.11 -4.94 -2.96
CA GLU A 162 -11.50 -4.56 -3.15
C GLU A 162 -11.69 -3.89 -4.52
N LEU A 163 -10.70 -3.08 -4.94
CA LEU A 163 -10.67 -2.64 -6.33
C LEU A 163 -10.54 -3.82 -7.28
N SER A 164 -9.84 -4.88 -6.85
CA SER A 164 -9.78 -6.09 -7.66
C SER A 164 -11.15 -6.76 -7.72
N LYS A 165 -11.93 -6.65 -6.65
CA LYS A 165 -13.26 -7.24 -6.65
C LYS A 165 -14.23 -6.45 -7.52
N LEU A 166 -14.00 -5.14 -7.69
CA LEU A 166 -14.86 -4.30 -8.50
C LEU A 166 -14.52 -4.35 -9.99
N GLU A 167 -13.36 -4.88 -10.36
CA GLU A 167 -13.01 -5.11 -11.75
C GLU A 167 -13.23 -6.55 -12.18
N SER A 168 -13.73 -7.40 -11.27
CA SER A 168 -14.04 -8.80 -11.56
C SER A 168 -12.81 -9.57 -12.02
N THR A 169 -11.71 -9.42 -11.30
CA THR A 169 -10.46 -10.10 -11.63
C THR A 169 -9.71 -10.42 -10.35
N VAL A 170 -8.73 -11.32 -10.48
CA VAL A 170 -7.76 -11.59 -9.42
C VAL A 170 -6.51 -10.79 -9.73
N GLY A 171 -5.74 -10.50 -8.69
CA GLY A 171 -4.51 -9.74 -8.84
C GLY A 171 -3.53 -10.12 -7.74
N SER A 172 -2.25 -9.94 -8.05
CA SER A 172 -1.17 -10.23 -7.12
C SER A 172 -0.19 -9.07 -7.14
N PRO A 173 0.42 -8.76 -5.99
CA PRO A 173 1.44 -7.70 -5.99
C PRO A 173 2.62 -8.08 -6.88
N GLU A 174 3.20 -7.05 -7.50
CA GLU A 174 4.44 -7.23 -8.22
C GLU A 174 5.56 -7.58 -7.24
N LYS A 175 6.62 -8.23 -7.75
CA LYS A 175 7.71 -8.76 -6.96
C LYS A 175 9.05 -8.20 -7.42
N PRO A 176 10.10 -8.28 -6.56
CA PRO A 176 10.07 -8.86 -5.21
C PRO A 176 9.44 -7.95 -4.16
N LEU A 177 8.69 -8.55 -3.25
CA LEU A 177 8.16 -7.81 -2.12
C LEU A 177 9.24 -7.59 -1.07
N SER A 178 9.24 -6.39 -0.48
CA SER A 178 10.18 -6.06 0.59
C SER A 178 9.99 -7.01 1.77
N ASP A 179 10.90 -6.95 2.75
CA ASP A 179 10.80 -7.82 3.90
C ASP A 179 9.53 -7.54 4.70
N LEU A 180 9.30 -6.26 5.03
CA LEU A 180 8.05 -5.91 5.70
C LEU A 180 6.85 -6.25 4.83
N GLY A 181 7.03 -6.22 3.51
CA GLY A 181 5.92 -6.52 2.61
C GLY A 181 5.59 -8.00 2.55
N LYS A 182 6.61 -8.86 2.47
CA LYS A 182 6.35 -10.30 2.42
C LYS A 182 5.56 -10.75 3.65
N LEU A 183 5.93 -10.26 4.83
CA LEU A 183 5.26 -10.65 6.06
C LEU A 183 3.87 -10.06 6.19
N SER A 184 3.60 -8.95 5.51
CA SER A 184 2.29 -8.31 5.62
C SER A 184 1.28 -8.93 4.67
N TYR A 185 1.73 -9.45 3.53
CA TYR A 185 0.82 -10.11 2.60
C TYR A 185 0.42 -11.48 3.09
N ARG A 186 1.41 -12.30 3.48
CA ARG A 186 1.11 -13.60 4.06
C ARG A 186 0.13 -13.49 5.21
N SER A 187 0.31 -12.47 6.06
CA SER A 187 -0.60 -12.28 7.18
C SER A 187 -1.99 -11.88 6.72
N TYR A 188 -2.07 -10.93 5.77
CA TYR A 188 -3.37 -10.58 5.21
C TYR A 188 -4.03 -11.79 4.60
N TRP A 189 -3.32 -12.48 3.69
CA TRP A 189 -3.85 -13.67 3.03
C TRP A 189 -4.36 -14.67 4.04
N SER A 190 -3.50 -15.05 4.99
CA SER A 190 -3.88 -16.00 6.02
C SER A 190 -5.19 -15.58 6.70
N SER A 191 -5.26 -14.32 7.13
CA SER A 191 -6.45 -13.86 7.84
C SER A 191 -7.68 -13.91 6.95
N VAL A 192 -7.54 -13.61 5.66
CA VAL A 192 -8.71 -13.61 4.79
C VAL A 192 -9.12 -15.03 4.46
N LEU A 193 -8.16 -15.92 4.23
CA LEU A 193 -8.49 -17.30 3.91
C LEU A 193 -9.10 -18.03 5.12
N LEU A 194 -8.44 -17.89 6.28
CA LEU A 194 -8.94 -18.55 7.49
C LEU A 194 -10.37 -18.16 7.82
N GLU A 195 -10.69 -16.87 7.72
CA GLU A 195 -12.02 -16.37 8.04
C GLU A 195 -13.02 -16.51 6.89
N ASN A 196 -12.60 -17.08 5.76
CA ASN A 196 -13.54 -17.54 4.77
C ASN A 196 -13.91 -19.00 4.95
N LEU A 197 -13.01 -19.80 5.55
CA LEU A 197 -13.26 -21.22 5.81
C LEU A 197 -13.93 -21.47 7.14
N ARG A 198 -13.80 -20.54 8.11
CA ARG A 198 -14.68 -20.55 9.27
C ARG A 198 -16.09 -20.12 8.89
N ASP A 199 -16.24 -19.34 7.82
CA ASP A 199 -17.53 -18.88 7.36
C ASP A 199 -17.97 -19.60 6.09
N LEU A 204 -15.78 -25.28 -0.24
CA LEU A 204 -15.07 -24.25 -0.98
C LEU A 204 -13.90 -24.85 -1.76
N SER A 205 -13.93 -24.76 -3.10
CA SER A 205 -12.72 -25.12 -3.83
C SER A 205 -11.73 -23.97 -3.71
N ILE A 206 -10.47 -24.26 -4.08
CA ILE A 206 -9.50 -23.17 -4.13
C ILE A 206 -9.92 -22.14 -5.15
N LYS A 207 -10.51 -22.59 -6.26
CA LYS A 207 -11.03 -21.69 -7.28
C LYS A 207 -12.17 -20.82 -6.74
N ASP A 208 -12.94 -21.32 -5.77
CA ASP A 208 -13.97 -20.50 -5.12
C ASP A 208 -13.34 -19.45 -4.21
N LEU A 209 -12.42 -19.88 -3.33
CA LEU A 209 -11.68 -18.91 -2.51
C LEU A 209 -10.94 -17.89 -3.38
N SER A 210 -10.73 -18.18 -4.67
CA SER A 210 -10.02 -17.28 -5.57
C SER A 210 -10.92 -16.23 -6.18
N GLN A 211 -12.20 -16.53 -6.40
CA GLN A 211 -13.14 -15.56 -6.92
C GLN A 211 -13.81 -14.76 -5.83
N MET A 212 -14.01 -15.36 -4.64
CA MET A 212 -14.60 -14.64 -3.52
C MET A 212 -13.68 -13.57 -2.96
N THR A 213 -12.38 -13.64 -3.23
CA THR A 213 -11.40 -12.72 -2.66
C THR A 213 -10.50 -12.03 -3.68
N SER A 214 -10.48 -12.48 -4.94
CA SER A 214 -9.60 -12.00 -5.99
C SER A 214 -8.12 -12.29 -5.70
N ILE A 215 -7.84 -13.17 -4.76
CA ILE A 215 -6.48 -13.62 -4.51
C ILE A 215 -6.13 -14.68 -5.54
N THR A 216 -4.97 -14.53 -6.19
CA THR A 216 -4.54 -15.54 -7.15
C THR A 216 -4.42 -16.89 -6.47
N GLN A 217 -4.69 -17.95 -7.24
CA GLN A 217 -4.63 -19.30 -6.69
C GLN A 217 -3.25 -19.62 -6.15
N ASN A 218 -2.20 -19.21 -6.85
CA ASN A 218 -0.83 -19.38 -6.35
C ASN A 218 -0.69 -18.77 -4.96
N ASP A 219 -1.24 -17.57 -4.76
CA ASP A 219 -1.17 -16.94 -3.45
C ASP A 219 -2.04 -17.68 -2.44
N ILE A 220 -3.24 -18.09 -2.85
CA ILE A 220 -4.07 -18.95 -2.01
C ILE A 220 -3.29 -20.20 -1.62
N ILE A 221 -2.88 -20.97 -2.64
CA ILE A 221 -2.18 -22.23 -2.40
C ILE A 221 -0.99 -22.02 -1.47
N SER A 222 -0.06 -21.14 -1.88
CA SER A 222 1.18 -20.96 -1.13
C SER A 222 0.91 -20.58 0.32
N THR A 223 -0.15 -19.82 0.58
CA THR A 223 -0.51 -19.51 1.96
C THR A 223 -1.03 -20.75 2.67
N LEU A 224 -1.85 -21.55 1.99
CA LEU A 224 -2.40 -22.75 2.61
C LEU A 224 -1.30 -23.77 2.87
N GLN A 225 -0.24 -23.77 2.05
CA GLN A 225 0.92 -24.59 2.35
C GLN A 225 1.63 -24.09 3.61
N SER A 226 1.69 -22.77 3.78
CA SER A 226 2.28 -22.17 4.96
C SER A 226 1.48 -22.47 6.23
N LEU A 227 0.19 -22.80 6.10
CA LEU A 227 -0.62 -23.20 7.25
C LEU A 227 -0.68 -24.71 7.43
N ASN A 228 -0.11 -25.47 6.48
CA ASN A 228 -0.25 -26.93 6.43
C ASN A 228 -1.73 -27.32 6.35
N MET A 229 -2.42 -26.76 5.34
CA MET A 229 -3.85 -26.94 5.16
C MET A 229 -4.21 -27.34 3.73
N VAL A 230 -3.30 -28.02 3.04
CA VAL A 230 -3.54 -28.41 1.65
C VAL A 230 -2.86 -29.74 1.40
N LYS A 231 -3.61 -30.69 0.83
CA LYS A 231 -3.09 -31.98 0.42
C LYS A 231 -2.87 -31.98 -1.09
N TYR A 232 -1.96 -32.84 -1.52
CA TYR A 232 -1.66 -33.02 -2.93
C TYR A 232 -2.14 -34.40 -3.36
N TRP A 233 -2.92 -34.45 -4.44
CA TRP A 233 -3.46 -35.70 -4.97
C TRP A 233 -3.29 -35.69 -6.48
N LYS A 234 -2.46 -36.60 -6.99
CA LYS A 234 -2.23 -36.81 -8.41
C LYS A 234 -2.11 -35.49 -9.17
N GLY A 235 -1.21 -34.63 -8.67
CA GLY A 235 -0.90 -33.40 -9.37
C GLY A 235 -1.81 -32.22 -9.08
N GLN A 236 -2.67 -32.30 -8.05
CA GLN A 236 -3.63 -31.25 -7.76
C GLN A 236 -3.60 -30.88 -6.28
N HIS A 237 -3.72 -29.59 -6.00
CA HIS A 237 -3.79 -29.06 -4.65
C HIS A 237 -5.24 -29.09 -4.17
N VAL A 238 -5.48 -29.68 -3.00
CA VAL A 238 -6.82 -29.83 -2.42
C VAL A 238 -6.78 -29.24 -1.02
N ILE A 239 -7.73 -28.35 -0.72
CA ILE A 239 -7.87 -27.84 0.64
C ILE A 239 -8.27 -28.98 1.56
N CYS A 240 -7.63 -29.06 2.71
CA CYS A 240 -7.92 -30.05 3.73
C CYS A 240 -7.79 -29.36 5.07
N VAL A 241 -8.91 -29.12 5.73
CA VAL A 241 -8.89 -28.43 7.02
C VAL A 241 -10.18 -28.77 7.75
N THR A 242 -10.06 -28.98 9.06
CA THR A 242 -11.26 -29.13 9.86
C THR A 242 -11.60 -27.79 10.51
N PRO A 243 -12.91 -27.54 10.75
CA PRO A 243 -13.31 -26.25 11.34
C PRO A 243 -12.60 -25.93 12.64
N LYS A 244 -12.06 -26.96 13.31
CA LYS A 244 -11.27 -26.72 14.50
C LYS A 244 -9.89 -26.19 14.15
N LEU A 245 -9.24 -26.77 13.13
CA LEU A 245 -7.93 -26.31 12.69
C LEU A 245 -7.98 -24.93 12.06
N VAL A 246 -9.17 -24.46 11.66
CA VAL A 246 -9.33 -23.08 11.23
C VAL A 246 -9.40 -22.15 12.44
N GLU A 247 -10.01 -22.61 13.53
CA GLU A 247 -10.37 -21.76 14.66
C GLU A 247 -9.24 -21.53 15.65
N GLU A 248 -8.42 -22.55 15.91
CA GLU A 248 -7.21 -22.35 16.70
C GLU A 248 -6.30 -21.34 16.03
N HIS A 249 -5.92 -21.62 14.78
CA HIS A 249 -5.11 -20.73 13.96
C HIS A 249 -5.70 -19.33 13.92
N LEU A 250 -7.04 -19.25 13.88
CA LEU A 250 -7.71 -17.96 13.79
C LEU A 250 -7.57 -17.16 15.07
N LYS A 251 -7.65 -17.82 16.22
CA LYS A 251 -7.59 -17.16 17.51
C LYS A 251 -6.19 -17.13 18.10
N SER A 252 -5.18 -17.62 17.38
CA SER A 252 -3.81 -17.52 17.86
C SER A 252 -3.40 -16.05 17.94
N ALA A 253 -2.47 -15.77 18.84
CA ALA A 253 -2.08 -14.41 19.23
C ALA A 253 -1.94 -13.45 18.06
N GLN A 254 -1.45 -13.94 16.93
CA GLN A 254 -1.09 -13.07 15.81
C GLN A 254 -2.28 -12.30 15.27
N TYR A 255 -3.49 -12.82 15.42
CA TYR A 255 -4.67 -12.14 14.89
C TYR A 255 -5.51 -11.52 16.00
N LYS A 256 -4.90 -10.65 16.80
CA LYS A 256 -5.56 -10.08 17.98
C LYS A 256 -5.76 -8.57 17.91
N LYS A 257 -4.96 -7.86 17.15
CA LYS A 257 -5.12 -6.41 17.07
C LYS A 257 -6.28 -6.07 16.15
N PRO A 258 -7.15 -5.13 16.53
CA PRO A 258 -8.29 -4.78 15.66
C PRO A 258 -7.83 -3.98 14.45
N PRO A 259 -8.00 -4.53 13.25
CA PRO A 259 -7.51 -3.83 12.05
C PRO A 259 -8.36 -2.61 11.74
N ILE A 260 -7.83 -1.80 10.82
CA ILE A 260 -8.65 -0.80 10.16
C ILE A 260 -9.32 -1.46 8.97
N THR A 261 -10.64 -1.40 8.94
CA THR A 261 -11.43 -2.18 7.99
C THR A 261 -11.79 -1.32 6.79
N VAL A 262 -11.68 -1.92 5.61
CA VAL A 262 -12.22 -1.32 4.39
C VAL A 262 -13.71 -1.61 4.38
N ASP A 263 -14.52 -0.58 4.57
CA ASP A 263 -15.97 -0.70 4.47
C ASP A 263 -16.35 -0.37 3.03
N SER A 264 -16.71 -1.40 2.26
CA SER A 264 -17.07 -1.23 0.87
C SER A 264 -18.16 -0.20 0.69
N VAL A 265 -19.05 -0.07 1.68
CA VAL A 265 -20.10 0.94 1.73
C VAL A 265 -19.52 2.30 1.36
N CYS A 266 -18.33 2.60 1.85
CA CYS A 266 -17.73 3.93 1.76
C CYS A 266 -16.74 4.06 0.61
N LEU A 267 -16.81 3.18 -0.39
CA LEU A 267 -15.86 3.18 -1.50
C LEU A 267 -16.57 3.70 -2.76
N LYS A 268 -16.27 4.95 -3.12
CA LYS A 268 -16.89 5.62 -4.26
C LYS A 268 -16.07 5.42 -5.54
N TRP A 269 -15.89 4.15 -5.91
CA TRP A 269 -15.07 3.80 -7.06
C TRP A 269 -15.88 2.98 -8.06
N ALA A 270 -15.52 3.13 -9.33
CA ALA A 270 -16.11 2.40 -10.44
C ALA A 270 -15.00 1.93 -11.38
N PRO A 271 -15.14 0.76 -11.95
CA PRO A 271 -14.08 0.22 -12.84
C PRO A 271 -14.05 0.93 -14.17
N PRO A 272 -12.85 1.16 -14.73
CA PRO A 272 -12.62 1.74 -16.06
C PRO A 272 -13.07 0.81 -17.19
ZN ZN B . 3.11 22.38 -0.72
NA NA C . 13.35 7.23 11.52
C1 GOL D . 2.64 -9.42 10.38
O1 GOL D . 1.38 -9.90 10.77
C2 GOL D . 2.91 -8.09 11.08
O2 GOL D . 4.24 -8.04 11.52
C3 GOL D . 2.66 -6.96 10.09
O3 GOL D . 3.41 -5.83 10.49
C1 GOL E . 1.16 -30.01 -0.01
O1 GOL E . 1.03 -29.73 -1.38
C2 GOL E . 2.53 -29.57 0.49
O2 GOL E . 2.39 -28.63 1.53
C3 GOL E . 3.29 -30.79 1.03
O3 GOL E . 4.68 -30.62 0.92
C10 O9G F . 7.25 -1.23 2.75
C21 O9G F . -0.11 -5.17 9.04
C22 O9G F . 0.03 -5.88 7.86
C24 O9G F . -1.12 -7.73 8.85
C26 O9G F . -0.74 -5.75 10.13
C01 O9G F . 2.89 -3.99 2.36
C02 O9G F . 3.55 -3.15 3.44
C03 O9G F . 3.03 -3.11 4.72
C05 O9G F . 3.64 -2.34 5.69
C06 O9G F . 4.76 -1.60 5.38
C07 O9G F . 5.29 -1.64 4.10
C08 O9G F . 4.68 -2.41 3.13
C11 O9G F . 8.26 -0.31 2.72
C12 O9G F . 8.04 0.59 3.75
C14 O9G F . 3.05 -2.32 7.08
C23 O9G F . -0.48 -7.17 7.76
C25 O9G F . -1.25 -7.03 10.04
F04 O9G F . 1.93 -3.82 5.03
N09 O9G F . 6.44 -0.90 3.76
N13 O9G F . 6.90 0.20 4.39
N16 O9G F . 2.72 -3.55 7.70
N17 O9G F . 2.17 -3.59 8.98
O15 O9G F . 2.87 -1.26 7.66
O19 O9G F . -0.07 -2.65 8.19
O20 O9G F . 0.18 -2.88 10.38
S18 O9G F . 0.54 -3.53 9.16
#